data_4OT2
#
_entry.id   4OT2
#
_cell.length_a   93.770
_cell.length_b   93.770
_cell.length_c   142.410
_cell.angle_alpha   90.00
_cell.angle_beta   90.00
_cell.angle_gamma   120.00
#
_symmetry.space_group_name_H-M   'P 61'
#
loop_
_entity.id
_entity.type
_entity.pdbx_description
1 polymer 'Serum albumin'
2 non-polymer '(2S)-2-(6-methoxynaphthalen-2-yl)propanoic acid'
3 non-polymer 'SUCCINIC ACID'
4 non-polymer 'ACETATE ION'
5 non-polymer 'MALONATE ION'
6 water water
#
_entity_poly.entity_id   1
_entity_poly.type   'polypeptide(L)'
_entity_poly.pdbx_seq_one_letter_code
;DTHKSEIAHRFNDLGEKHFKGLVLVAFSQYLQQCPFEDHVKLVNEVTEFAKKCAADESAENCDKSLHTLFGDKLCTVATL
RATYGELADCCEKQEPERNECFLTHKDDHPNLPKLKPEPDAQCAAFQEDPDKFLGKYLYEVARRHPYFYGPELLFHAEEY
KADFTECCPADDKLACLIPKLDALKERILLSSAKERLKCSSFQNFGERAVKAWSVARLSQKFPKADFAEVSKIVTDLTKV
HKECCHGDLLECADDRADLAKYICEHQDSISGKLKACCDKPLLQKSHCIAEVKEDDLPSDLPALAADFAEDKEICKHYKD
AKDVFLGTFLYEYSRRHPDYSVSLLLRIAKTYEATLEKCCAEADPPACYRTVFDQFTPLVEEPKSLVKKNCDLFEEVGEY
DFQNALIVRYTKKAPQVSTPTLVEIGRTLGKVGSRCCKLPESERLPCSENHLALALNRLCVLHEKTPVSEKITKCCTDSL
AERRPCFSALELDEGYVPKEFKAETFTFHADICTLPEDEKQIKKQSALAELVKHKPKATKEQLKTVLGNFSAFVAKCCGR
EDKEACFAEEGPKLVASSQLALA
;
_entity_poly.pdbx_strand_id   A
#
# COMPACT_ATOMS: atom_id res chain seq x y z
N LYS A 4 -28.02 -19.51 -5.18
CA LYS A 4 -28.84 -20.54 -4.45
C LYS A 4 -28.37 -20.69 -2.99
N SER A 5 -27.42 -21.59 -2.75
CA SER A 5 -26.66 -21.54 -1.52
C SER A 5 -25.34 -20.92 -1.94
N GLU A 6 -25.18 -19.66 -1.57
CA GLU A 6 -24.02 -18.89 -1.89
C GLU A 6 -22.72 -19.53 -1.34
N ILE A 7 -22.81 -20.11 -0.15
CA ILE A 7 -21.69 -20.80 0.52
C ILE A 7 -21.27 -22.18 -0.09
N ALA A 8 -22.24 -22.96 -0.53
CA ALA A 8 -22.04 -24.13 -1.41
C ALA A 8 -21.29 -23.75 -2.70
N HIS A 9 -21.87 -22.76 -3.38
CA HIS A 9 -21.42 -22.24 -4.65
C HIS A 9 -19.97 -21.87 -4.58
N ARG A 10 -19.58 -21.09 -3.57
CA ARG A 10 -18.19 -20.66 -3.49
C ARG A 10 -17.32 -21.83 -3.18
N PHE A 11 -17.82 -22.72 -2.31
CA PHE A 11 -17.10 -23.92 -1.95
C PHE A 11 -16.82 -24.81 -3.17
N ASN A 12 -17.83 -24.96 -4.02
CA ASN A 12 -17.63 -25.73 -5.24
C ASN A 12 -16.61 -25.01 -6.10
N ASP A 13 -16.80 -23.70 -6.31
CA ASP A 13 -15.93 -22.92 -7.21
C ASP A 13 -14.47 -22.93 -6.75
N LEU A 14 -14.27 -22.82 -5.44
CA LEU A 14 -12.94 -22.54 -4.92
C LEU A 14 -12.19 -23.78 -4.51
N GLY A 15 -12.97 -24.78 -4.05
CA GLY A 15 -12.41 -26.00 -3.51
C GLY A 15 -12.03 -25.83 -2.06
N GLU A 16 -11.98 -26.94 -1.33
CA GLU A 16 -11.82 -26.86 0.12
C GLU A 16 -10.62 -26.01 0.59
N LYS A 17 -9.43 -26.33 0.08
CA LYS A 17 -8.21 -25.64 0.46
C LYS A 17 -8.31 -24.11 0.38
N HIS A 18 -8.52 -23.59 -0.83
CA HIS A 18 -8.54 -22.13 -0.98
C HIS A 18 -9.69 -21.56 -0.18
N PHE A 19 -10.87 -22.20 -0.25
CA PHE A 19 -12.05 -21.77 0.53
C PHE A 19 -11.64 -21.48 1.99
N LYS A 20 -11.06 -22.51 2.62
CA LYS A 20 -10.54 -22.41 4.00
C LYS A 20 -9.47 -21.33 4.11
N GLY A 21 -8.56 -21.28 3.14
CA GLY A 21 -7.58 -20.21 3.15
C GLY A 21 -8.22 -18.83 3.32
N LEU A 22 -9.03 -18.46 2.33
CA LEU A 22 -9.64 -17.15 2.33
C LEU A 22 -10.54 -16.91 3.54
N VAL A 23 -11.24 -17.95 3.99
CA VAL A 23 -12.04 -17.82 5.21
C VAL A 23 -11.15 -17.56 6.45
N LEU A 24 -9.95 -18.16 6.50
CA LEU A 24 -9.03 -17.88 7.61
C LEU A 24 -8.56 -16.41 7.58
N VAL A 25 -8.25 -15.92 6.35
CA VAL A 25 -7.73 -14.58 6.21
C VAL A 25 -8.80 -13.60 6.71
N ALA A 26 -9.98 -13.74 6.10
CA ALA A 26 -11.14 -12.92 6.50
C ALA A 26 -11.30 -12.77 8.01
N PHE A 27 -11.21 -13.88 8.72
CA PHE A 27 -11.47 -13.89 10.16
C PHE A 27 -10.33 -13.23 10.90
N SER A 28 -9.09 -13.52 10.49
CA SER A 28 -7.94 -12.86 11.08
C SER A 28 -8.03 -11.31 10.88
N GLN A 29 -8.47 -10.88 9.72
CA GLN A 29 -8.45 -9.45 9.43
C GLN A 29 -9.58 -8.78 10.16
N TYR A 30 -10.67 -9.50 10.39
CA TYR A 30 -11.78 -8.88 11.13
C TYR A 30 -11.53 -8.92 12.65
N LEU A 31 -10.93 -10.01 13.11
CA LEU A 31 -10.62 -10.19 14.52
C LEU A 31 -9.14 -10.37 14.68
N GLN A 32 -8.44 -9.26 14.83
CA GLN A 32 -6.98 -9.27 14.73
C GLN A 32 -6.28 -9.78 15.99
N GLN A 33 -7.04 -9.88 17.08
CA GLN A 33 -6.52 -10.13 18.43
C GLN A 33 -6.68 -11.55 18.90
N CYS A 34 -7.57 -12.28 18.24
CA CYS A 34 -7.99 -13.56 18.76
C CYS A 34 -6.85 -14.58 18.62
N PRO A 35 -6.69 -15.46 19.64
CA PRO A 35 -5.74 -16.52 19.49
C PRO A 35 -5.97 -17.26 18.19
N PHE A 36 -4.89 -17.81 17.65
CA PHE A 36 -4.92 -18.57 16.42
C PHE A 36 -5.85 -19.78 16.42
N GLU A 37 -5.78 -20.56 17.49
CA GLU A 37 -6.65 -21.71 17.70
C GLU A 37 -8.15 -21.44 17.47
N ASP A 38 -8.70 -20.37 18.04
CA ASP A 38 -10.14 -20.07 17.87
C ASP A 38 -10.54 -19.79 16.41
N HIS A 39 -9.72 -19.04 15.69
CA HIS A 39 -9.96 -18.80 14.27
C HIS A 39 -10.00 -20.13 13.52
N VAL A 40 -8.96 -20.98 13.67
CA VAL A 40 -8.92 -22.31 13.02
C VAL A 40 -10.21 -23.11 13.30
N LYS A 41 -10.65 -23.08 14.55
CA LYS A 41 -11.90 -23.65 15.00
C LYS A 41 -13.16 -23.06 14.32
N LEU A 42 -13.25 -21.73 14.32
CA LEU A 42 -14.32 -21.02 13.61
C LEU A 42 -14.37 -21.37 12.09
N VAL A 43 -13.20 -21.68 11.53
CA VAL A 43 -13.00 -21.92 10.12
C VAL A 43 -13.52 -23.31 9.75
N ASN A 44 -13.14 -24.28 10.56
CA ASN A 44 -13.59 -25.63 10.36
C ASN A 44 -15.09 -25.71 10.43
N GLU A 45 -15.65 -24.99 11.39
CA GLU A 45 -17.09 -24.95 11.58
C GLU A 45 -17.80 -24.44 10.33
N VAL A 46 -17.32 -23.33 9.78
CA VAL A 46 -17.96 -22.80 8.59
C VAL A 46 -17.74 -23.77 7.42
N THR A 47 -16.54 -24.35 7.34
CA THR A 47 -16.27 -25.26 6.25
C THR A 47 -17.23 -26.48 6.28
N GLU A 48 -17.53 -26.93 7.51
CA GLU A 48 -18.39 -28.09 7.72
C GLU A 48 -19.78 -27.80 7.26
N PHE A 49 -20.27 -26.61 7.63
CA PHE A 49 -21.57 -26.13 7.22
C PHE A 49 -21.62 -25.98 5.70
N ALA A 50 -20.58 -25.40 5.13
CA ALA A 50 -20.42 -25.36 3.67
C ALA A 50 -20.56 -26.71 3.00
N LYS A 51 -19.86 -27.70 3.52
CA LYS A 51 -19.94 -29.06 2.95
C LYS A 51 -21.34 -29.63 3.06
N LYS A 52 -21.96 -29.41 4.21
CA LYS A 52 -23.28 -29.92 4.51
C LYS A 52 -24.27 -29.25 3.55
N CYS A 53 -24.02 -27.97 3.27
CA CYS A 53 -24.79 -27.26 2.26
C CYS A 53 -24.56 -27.75 0.82
N ALA A 54 -23.30 -28.01 0.43
CA ALA A 54 -22.98 -28.48 -0.94
C ALA A 54 -23.70 -29.76 -1.21
N ALA A 55 -23.91 -30.58 -0.18
CA ALA A 55 -24.59 -31.85 -0.36
C ALA A 55 -26.11 -31.67 -0.37
N ASP A 56 -26.62 -30.61 0.25
CA ASP A 56 -28.09 -30.43 0.34
C ASP A 56 -28.49 -28.96 0.38
N GLU A 57 -28.57 -28.35 -0.80
CA GLU A 57 -28.69 -26.88 -0.88
C GLU A 57 -30.01 -26.39 -0.27
N SER A 58 -30.93 -27.33 -0.12
CA SER A 58 -32.27 -27.01 0.39
C SER A 58 -32.32 -26.95 1.92
N ALA A 59 -31.28 -27.46 2.58
CA ALA A 59 -31.16 -27.50 4.07
C ALA A 59 -31.24 -26.10 4.72
N GLU A 60 -31.66 -26.07 5.98
CA GLU A 60 -31.79 -24.82 6.76
C GLU A 60 -30.56 -23.88 6.71
N ASN A 61 -30.81 -22.57 6.70
CA ASN A 61 -29.74 -21.58 6.71
C ASN A 61 -28.66 -21.68 5.60
N CYS A 62 -28.75 -22.67 4.72
CA CYS A 62 -27.78 -22.77 3.59
C CYS A 62 -27.96 -21.63 2.58
N ASP A 63 -29.16 -21.03 2.59
CA ASP A 63 -29.56 -19.93 1.72
C ASP A 63 -29.38 -18.55 2.33
N LYS A 64 -28.79 -18.46 3.51
CA LYS A 64 -28.40 -17.16 4.06
C LYS A 64 -27.18 -16.70 3.30
N SER A 65 -27.00 -15.38 3.24
CA SER A 65 -25.85 -14.77 2.56
C SER A 65 -24.62 -15.11 3.36
N LEU A 66 -23.47 -14.98 2.72
CA LEU A 66 -22.20 -15.27 3.38
C LEU A 66 -21.97 -14.41 4.61
N HIS A 67 -22.26 -13.14 4.51
CA HIS A 67 -21.97 -12.20 5.56
C HIS A 67 -22.82 -12.43 6.76
N THR A 68 -24.06 -12.87 6.57
CA THR A 68 -24.88 -13.30 7.71
C THR A 68 -24.21 -14.48 8.38
N LEU A 69 -23.70 -15.40 7.55
CA LEU A 69 -23.07 -16.62 8.01
C LEU A 69 -21.76 -16.35 8.75
N PHE A 70 -20.87 -15.54 8.18
CA PHE A 70 -19.59 -15.33 8.84
C PHE A 70 -19.74 -14.36 9.96
N GLY A 71 -20.62 -13.39 9.76
CA GLY A 71 -20.96 -12.40 10.76
C GLY A 71 -21.52 -13.16 11.95
N ASP A 72 -22.31 -14.19 11.68
CA ASP A 72 -22.85 -14.96 12.82
C ASP A 72 -21.75 -15.73 13.50
N LYS A 73 -20.82 -16.24 12.72
CA LYS A 73 -19.81 -17.10 13.30
C LYS A 73 -18.87 -16.27 14.17
N LEU A 74 -18.51 -15.09 13.70
CA LEU A 74 -17.62 -14.18 14.44
C LEU A 74 -18.20 -13.73 15.79
N CYS A 75 -19.48 -13.41 15.78
CA CYS A 75 -20.22 -13.12 16.99
C CYS A 75 -20.49 -14.29 17.98
N THR A 76 -20.15 -15.53 17.60
CA THR A 76 -20.15 -16.68 18.55
C THR A 76 -18.87 -16.69 19.39
N VAL A 77 -17.82 -16.00 18.94
CA VAL A 77 -16.48 -16.10 19.53
C VAL A 77 -16.45 -15.59 20.99
N ALA A 78 -15.86 -16.38 21.90
CA ALA A 78 -15.89 -16.16 23.37
C ALA A 78 -15.03 -14.99 23.85
N THR A 79 -15.48 -14.30 24.91
CA THR A 79 -14.83 -13.08 25.47
C THR A 79 -14.72 -11.90 24.47
N LEU A 80 -15.70 -11.86 23.56
CA LEU A 80 -15.75 -10.87 22.51
C LEU A 80 -15.72 -9.53 23.21
N ARG A 81 -16.49 -9.45 24.29
CA ARG A 81 -16.68 -8.18 24.99
C ARG A 81 -15.53 -7.83 25.93
N ALA A 82 -14.58 -8.74 26.09
CA ALA A 82 -13.32 -8.44 26.76
C ALA A 82 -12.24 -8.17 25.73
N THR A 83 -12.25 -8.92 24.64
CA THR A 83 -11.23 -8.75 23.64
C THR A 83 -11.47 -7.57 22.69
N TYR A 84 -12.73 -7.34 22.33
CA TYR A 84 -13.12 -6.22 21.45
C TYR A 84 -14.41 -5.63 21.97
N GLY A 85 -14.30 -4.88 23.05
CA GLY A 85 -15.46 -4.32 23.71
C GLY A 85 -16.23 -3.46 22.74
N GLU A 86 -15.50 -2.86 21.81
CA GLU A 86 -16.07 -2.01 20.80
C GLU A 86 -16.82 -2.80 19.71
N LEU A 87 -16.58 -4.12 19.63
CA LEU A 87 -17.11 -4.94 18.54
C LEU A 87 -18.42 -5.62 18.83
N ALA A 88 -18.61 -5.97 20.10
CA ALA A 88 -19.82 -6.63 20.56
C ALA A 88 -21.02 -5.94 19.98
N ASP A 89 -20.88 -4.63 19.79
CA ASP A 89 -21.95 -3.75 19.39
C ASP A 89 -22.45 -4.02 17.96
N CYS A 90 -21.51 -4.14 17.03
CA CYS A 90 -21.77 -4.60 15.67
C CYS A 90 -22.65 -5.85 15.71
N CYS A 91 -22.41 -6.74 16.68
CA CYS A 91 -23.18 -7.99 16.81
C CYS A 91 -24.68 -7.85 17.08
N GLU A 92 -25.10 -6.74 17.68
CA GLU A 92 -26.53 -6.44 17.78
C GLU A 92 -27.18 -6.20 16.41
N LYS A 93 -26.43 -5.59 15.50
CA LYS A 93 -26.91 -5.16 14.16
C LYS A 93 -27.13 -6.26 13.16
N GLN A 94 -28.00 -5.96 12.19
CA GLN A 94 -28.22 -6.82 11.02
C GLN A 94 -27.17 -6.59 9.94
N GLU A 95 -27.31 -7.29 8.83
CA GLU A 95 -26.46 -7.02 7.68
C GLU A 95 -27.22 -6.17 6.63
N PRO A 96 -26.51 -5.29 5.86
CA PRO A 96 -25.05 -5.10 5.87
C PRO A 96 -24.51 -4.21 6.97
N GLU A 97 -25.42 -3.64 7.77
CA GLU A 97 -25.05 -2.76 8.86
C GLU A 97 -23.94 -3.38 9.69
N ARG A 98 -24.11 -4.67 10.03
CA ARG A 98 -23.17 -5.39 10.85
C ARG A 98 -21.80 -5.35 10.20
N ASN A 99 -21.74 -5.73 8.93
CA ASN A 99 -20.44 -5.83 8.29
C ASN A 99 -19.79 -4.47 8.24
N GLU A 100 -20.61 -3.44 7.97
CA GLU A 100 -20.07 -2.06 7.88
C GLU A 100 -19.38 -1.78 9.16
N CYS A 101 -19.92 -2.32 10.24
CA CYS A 101 -19.49 -1.98 11.58
C CYS A 101 -18.16 -2.65 11.89
N PHE A 102 -18.06 -3.95 11.61
CA PHE A 102 -16.81 -4.66 11.74
C PHE A 102 -15.73 -3.99 10.93
N LEU A 103 -16.08 -3.54 9.72
CA LEU A 103 -15.07 -3.00 8.84
C LEU A 103 -14.41 -1.79 9.47
N THR A 104 -15.26 -0.86 9.91
CA THR A 104 -14.82 0.39 10.48
C THR A 104 -13.94 0.13 11.67
N HIS A 105 -14.22 -0.95 12.37
CA HIS A 105 -13.43 -1.31 13.53
C HIS A 105 -12.07 -2.01 13.20
N LYS A 106 -11.77 -2.29 11.94
CA LYS A 106 -10.47 -2.87 11.63
C LYS A 106 -9.28 -1.95 12.06
N ASP A 107 -8.15 -2.55 12.42
CA ASP A 107 -7.02 -1.80 12.98
C ASP A 107 -5.77 -1.79 12.06
N ASP A 108 -5.48 -0.62 11.49
CA ASP A 108 -4.32 -0.45 10.55
C ASP A 108 -2.94 -0.47 11.21
N HIS A 109 -2.93 -0.28 12.51
CA HIS A 109 -1.72 -0.31 13.24
C HIS A 109 -1.93 -1.01 14.54
N PRO A 110 -2.28 -2.30 14.47
CA PRO A 110 -2.46 -3.05 15.74
C PRO A 110 -1.13 -3.09 16.49
N ASN A 111 -0.04 -2.73 15.81
CA ASN A 111 1.26 -2.66 16.43
C ASN A 111 1.73 -3.94 17.13
N LEU A 112 1.50 -5.08 16.49
CA LEU A 112 1.88 -6.37 17.03
C LEU A 112 3.36 -6.59 16.96
N PRO A 113 3.82 -7.69 17.59
CA PRO A 113 5.21 -8.14 17.54
C PRO A 113 5.64 -8.32 16.12
N LYS A 114 6.90 -7.98 15.84
CA LYS A 114 7.51 -8.13 14.55
C LYS A 114 7.60 -9.59 14.28
N LEU A 115 7.30 -9.98 13.05
CA LEU A 115 7.48 -11.36 12.65
C LEU A 115 8.96 -11.57 12.38
N LYS A 116 9.58 -12.36 13.25
CA LYS A 116 10.99 -12.64 13.23
C LYS A 116 11.21 -14.14 12.83
N PRO A 117 12.00 -14.41 11.77
CA PRO A 117 12.23 -15.80 11.34
C PRO A 117 13.09 -16.54 12.34
N GLU A 118 12.46 -17.43 13.12
CA GLU A 118 13.16 -18.31 14.05
C GLU A 118 13.32 -19.67 13.36
N PRO A 119 14.32 -19.79 12.43
CA PRO A 119 14.28 -20.87 11.40
C PRO A 119 14.27 -22.29 12.01
N ASP A 120 14.99 -22.51 13.12
CA ASP A 120 15.11 -23.83 13.75
C ASP A 120 13.75 -24.27 14.32
N ALA A 121 13.20 -23.40 15.16
CA ALA A 121 11.89 -23.64 15.79
C ALA A 121 10.78 -23.56 14.77
N GLN A 122 11.05 -22.92 13.62
CA GLN A 122 10.05 -22.85 12.54
C GLN A 122 10.13 -24.07 11.65
N CYS A 123 11.33 -24.44 11.22
CA CYS A 123 11.50 -25.72 10.52
C CYS A 123 10.93 -26.87 11.36
N ALA A 124 11.27 -26.90 12.65
CA ALA A 124 10.66 -27.84 13.61
C ALA A 124 9.12 -27.85 13.49
N ALA A 125 8.46 -26.71 13.72
CA ALA A 125 6.99 -26.63 13.70
C ALA A 125 6.38 -27.02 12.34
N PHE A 126 7.11 -26.69 11.27
CA PHE A 126 6.72 -27.01 9.92
C PHE A 126 6.67 -28.52 9.65
N GLN A 127 7.70 -29.22 10.11
CA GLN A 127 7.82 -30.65 9.82
C GLN A 127 6.71 -31.47 10.47
N GLU A 128 6.44 -31.17 11.75
CA GLU A 128 5.46 -31.94 12.50
C GLU A 128 4.03 -31.67 12.12
N ASP A 129 3.79 -30.57 11.40
CA ASP A 129 2.45 -30.21 10.89
C ASP A 129 2.44 -29.05 9.85
N PRO A 130 2.60 -29.39 8.54
CA PRO A 130 2.74 -28.32 7.54
C PRO A 130 1.49 -27.39 7.38
N ASP A 131 0.30 -27.95 7.57
CA ASP A 131 -1.00 -27.25 7.40
C ASP A 131 -1.21 -26.20 8.47
N LYS A 132 -0.85 -26.57 9.68
CA LYS A 132 -0.99 -25.67 10.81
C LYS A 132 0.06 -24.56 10.68
N PHE A 133 1.26 -24.90 10.20
CA PHE A 133 2.34 -23.90 10.14
C PHE A 133 1.99 -22.80 9.11
N LEU A 134 1.43 -23.23 8.00
CA LEU A 134 1.07 -22.28 6.94
C LEU A 134 -0.17 -21.50 7.36
N GLY A 135 -1.17 -22.21 7.91
CA GLY A 135 -2.37 -21.55 8.40
C GLY A 135 -2.04 -20.42 9.35
N LYS A 136 -1.10 -20.65 10.27
CA LYS A 136 -0.58 -19.63 11.19
C LYS A 136 -0.02 -18.36 10.47
N TYR A 137 0.79 -18.63 9.44
CA TYR A 137 1.34 -17.61 8.57
C TYR A 137 0.30 -16.65 8.02
N LEU A 138 -0.72 -17.20 7.37
CA LEU A 138 -1.89 -16.45 6.92
C LEU A 138 -2.56 -15.62 8.00
N TYR A 139 -2.82 -16.24 9.15
CA TYR A 139 -3.34 -15.55 10.33
C TYR A 139 -2.43 -14.37 10.73
N GLU A 140 -1.12 -14.61 10.80
CA GLU A 140 -0.22 -13.57 11.35
C GLU A 140 -0.22 -12.39 10.41
N VAL A 141 -0.15 -12.72 9.11
CA VAL A 141 -0.07 -11.69 8.12
C VAL A 141 -1.42 -10.99 7.99
N ALA A 142 -2.50 -11.73 7.74
CA ALA A 142 -3.83 -11.11 7.67
C ALA A 142 -4.14 -10.16 8.83
N ARG A 143 -3.80 -10.53 10.04
CA ARG A 143 -4.22 -9.71 11.15
C ARG A 143 -3.35 -8.46 11.28
N ARG A 144 -2.17 -8.50 10.68
CA ARG A 144 -1.31 -7.33 10.65
C ARG A 144 -1.68 -6.38 9.53
N HIS A 145 -2.39 -6.87 8.54
CA HIS A 145 -2.64 -6.15 7.34
C HIS A 145 -4.07 -6.49 7.03
N PRO A 146 -4.99 -5.91 7.77
CA PRO A 146 -6.42 -6.28 7.74
C PRO A 146 -7.11 -6.00 6.39
N TYR A 147 -6.41 -5.30 5.47
CA TYR A 147 -6.92 -5.04 4.13
C TYR A 147 -6.04 -5.69 3.07
N PHE A 148 -5.14 -6.59 3.47
CA PHE A 148 -4.33 -7.31 2.48
C PHE A 148 -5.20 -7.92 1.38
N TYR A 149 -4.69 -7.92 0.15
CA TYR A 149 -5.39 -8.56 -0.97
C TYR A 149 -5.52 -10.05 -0.70
N GLY A 150 -6.69 -10.47 -0.23
CA GLY A 150 -6.94 -11.87 0.15
C GLY A 150 -6.24 -12.93 -0.70
N PRO A 151 -6.69 -13.14 -1.95
CA PRO A 151 -6.12 -14.20 -2.81
C PRO A 151 -4.60 -14.10 -2.96
N GLU A 152 -4.04 -12.87 -2.88
CA GLU A 152 -2.61 -12.72 -3.02
C GLU A 152 -1.89 -13.24 -1.79
N LEU A 153 -2.56 -13.24 -0.67
CA LEU A 153 -1.93 -13.83 0.48
C LEU A 153 -1.80 -15.37 0.29
N LEU A 154 -2.82 -16.03 -0.28
CA LEU A 154 -2.70 -17.46 -0.52
C LEU A 154 -1.49 -17.69 -1.40
N PHE A 155 -1.26 -16.77 -2.34
CA PHE A 155 -0.08 -16.85 -3.19
C PHE A 155 1.25 -16.76 -2.42
N HIS A 156 1.34 -15.81 -1.51
CA HIS A 156 2.59 -15.63 -0.76
C HIS A 156 2.86 -16.86 0.15
N ALA A 157 1.82 -17.31 0.86
CA ALA A 157 1.85 -18.57 1.62
C ALA A 157 2.39 -19.75 0.82
N GLU A 158 2.15 -19.79 -0.48
CA GLU A 158 2.83 -20.80 -1.32
C GLU A 158 4.34 -20.57 -1.38
N GLU A 159 4.73 -19.31 -1.54
CA GLU A 159 6.15 -18.96 -1.65
C GLU A 159 6.88 -19.29 -0.36
N TYR A 160 6.19 -18.95 0.72
CA TYR A 160 6.62 -19.20 2.06
C TYR A 160 6.76 -20.69 2.29
N LYS A 161 5.81 -21.47 1.77
CA LYS A 161 5.96 -22.92 1.83
C LYS A 161 7.17 -23.41 1.04
N ALA A 162 7.31 -22.98 -0.22
CA ALA A 162 8.50 -23.30 -1.01
C ALA A 162 9.81 -22.89 -0.30
N ASP A 163 9.79 -21.73 0.38
CA ASP A 163 10.93 -21.25 1.20
C ASP A 163 11.44 -22.25 2.23
N PHE A 164 10.49 -22.78 3.01
CA PHE A 164 10.78 -23.74 4.07
C PHE A 164 11.01 -25.15 3.51
N THR A 165 10.38 -25.46 2.38
CA THR A 165 10.66 -26.75 1.76
C THR A 165 12.09 -26.80 1.23
N GLU A 166 12.62 -25.66 0.82
CA GLU A 166 13.97 -25.68 0.28
C GLU A 166 15.02 -25.58 1.35
N CYS A 167 14.67 -24.97 2.47
CA CYS A 167 15.70 -24.62 3.41
C CYS A 167 15.73 -25.48 4.66
N CYS A 168 14.71 -26.31 4.85
CA CYS A 168 14.67 -27.06 6.07
C CYS A 168 15.53 -28.33 5.97
N PRO A 169 15.52 -29.02 4.82
CA PRO A 169 16.60 -30.03 4.75
C PRO A 169 18.00 -29.43 4.43
N ALA A 170 18.05 -28.31 3.70
CA ALA A 170 19.30 -27.64 3.25
C ALA A 170 20.42 -27.56 4.29
N ASP A 171 21.67 -27.53 3.82
CA ASP A 171 22.88 -27.59 4.66
C ASP A 171 22.94 -26.62 5.86
N ASP A 172 23.32 -25.36 5.61
CA ASP A 172 23.27 -24.31 6.63
C ASP A 172 21.91 -23.59 6.56
N LYS A 173 21.10 -23.77 7.60
CA LYS A 173 19.66 -23.52 7.54
C LYS A 173 19.27 -22.05 7.40
N LEU A 174 19.83 -21.21 8.25
CA LEU A 174 19.41 -19.83 8.31
C LEU A 174 19.86 -19.05 7.08
N ALA A 175 21.01 -19.39 6.50
CA ALA A 175 21.58 -18.61 5.37
C ALA A 175 20.98 -18.96 3.99
N CYS A 176 20.06 -19.92 3.99
CA CYS A 176 19.24 -20.26 2.85
C CYS A 176 17.98 -19.46 3.03
N LEU A 177 17.50 -19.49 4.26
CA LEU A 177 16.15 -19.13 4.63
C LEU A 177 15.95 -17.66 5.03
N ILE A 178 16.90 -17.08 5.77
CA ILE A 178 16.74 -15.70 6.27
C ILE A 178 16.75 -14.62 5.16
N PRO A 179 17.62 -14.74 4.11
CA PRO A 179 17.43 -13.76 2.97
C PRO A 179 16.10 -13.95 2.19
N LYS A 180 15.56 -15.16 2.22
CA LYS A 180 14.29 -15.42 1.58
C LYS A 180 13.19 -14.78 2.37
N LEU A 181 13.16 -15.04 3.67
CA LEU A 181 12.07 -14.55 4.48
C LEU A 181 12.11 -13.05 4.59
N ASP A 182 13.29 -12.44 4.56
CA ASP A 182 13.37 -10.96 4.55
C ASP A 182 12.83 -10.41 3.24
N ALA A 183 13.22 -11.03 2.13
CA ALA A 183 12.74 -10.65 0.79
C ALA A 183 11.18 -10.72 0.71
N LEU A 184 10.62 -11.87 1.06
CA LEU A 184 9.18 -12.06 1.18
C LEU A 184 8.47 -11.02 2.03
N LYS A 185 9.07 -10.69 3.18
CA LYS A 185 8.48 -9.68 4.04
C LYS A 185 8.43 -8.35 3.29
N GLU A 186 9.49 -8.07 2.51
CA GLU A 186 9.52 -6.81 1.77
C GLU A 186 8.36 -6.77 0.74
N ARG A 187 8.14 -7.90 0.09
CA ARG A 187 7.03 -8.05 -0.83
C ARG A 187 5.67 -7.99 -0.15
N ILE A 188 5.51 -8.61 1.01
CA ILE A 188 4.27 -8.46 1.75
C ILE A 188 3.96 -6.98 2.01
N LEU A 189 4.96 -6.26 2.46
CA LEU A 189 4.76 -4.86 2.84
C LEU A 189 4.38 -3.96 1.64
N LEU A 190 5.09 -4.11 0.52
CA LEU A 190 4.73 -3.41 -0.71
C LEU A 190 3.31 -3.84 -1.17
N SER A 191 3.10 -5.16 -1.26
CA SER A 191 1.85 -5.69 -1.70
C SER A 191 0.74 -5.11 -0.86
N SER A 192 0.94 -5.14 0.45
CA SER A 192 -0.06 -4.65 1.38
C SER A 192 -0.35 -3.21 1.10
N ALA A 193 0.72 -2.42 0.89
CA ALA A 193 0.60 -0.96 0.66
C ALA A 193 -0.19 -0.73 -0.61
N LYS A 194 0.04 -1.57 -1.64
CA LYS A 194 -0.61 -1.33 -2.96
C LYS A 194 -2.09 -1.50 -2.77
N GLU A 195 -2.48 -2.52 -2.00
CA GLU A 195 -3.88 -2.81 -1.77
C GLU A 195 -4.53 -1.82 -0.83
N ARG A 196 -3.88 -1.44 0.24
CA ARG A 196 -4.45 -0.41 1.10
C ARG A 196 -4.81 0.83 0.32
N LEU A 197 -3.98 1.20 -0.67
CA LEU A 197 -4.31 2.37 -1.48
C LEU A 197 -5.60 2.12 -2.26
N LYS A 198 -5.74 0.95 -2.85
CA LYS A 198 -6.99 0.67 -3.49
C LYS A 198 -8.17 0.80 -2.57
N CYS A 199 -8.10 0.20 -1.38
CA CYS A 199 -9.27 0.26 -0.53
C CYS A 199 -9.48 1.67 -0.03
N SER A 200 -8.39 2.42 0.21
CA SER A 200 -8.51 3.80 0.71
C SER A 200 -9.17 4.64 -0.33
N SER A 201 -8.89 4.34 -1.59
CA SER A 201 -9.51 5.04 -2.70
C SER A 201 -10.98 4.71 -2.73
N PHE A 202 -11.33 3.45 -2.60
CA PHE A 202 -12.76 3.19 -2.51
C PHE A 202 -13.38 3.96 -1.35
N GLN A 203 -12.75 3.95 -0.17
CA GLN A 203 -13.42 4.51 1.01
C GLN A 203 -13.56 5.98 0.90
N ASN A 204 -12.54 6.64 0.37
CA ASN A 204 -12.50 8.08 0.52
C ASN A 204 -12.84 8.89 -0.72
N PHE A 205 -12.85 8.26 -1.90
CA PHE A 205 -13.07 8.93 -3.19
C PHE A 205 -14.07 8.23 -4.12
N GLY A 206 -14.38 6.97 -3.82
CA GLY A 206 -15.41 6.24 -4.53
C GLY A 206 -14.87 5.51 -5.75
N GLU A 207 -15.71 4.62 -6.26
CA GLU A 207 -15.47 3.90 -7.50
C GLU A 207 -15.00 4.67 -8.70
N ARG A 208 -15.67 5.77 -9.04
CA ARG A 208 -15.30 6.53 -10.21
C ARG A 208 -13.79 6.91 -10.21
N ALA A 209 -13.26 7.17 -9.01
CA ALA A 209 -11.86 7.49 -8.83
C ALA A 209 -11.01 6.25 -8.97
N VAL A 210 -11.53 5.13 -8.48
CA VAL A 210 -10.82 3.86 -8.55
C VAL A 210 -10.73 3.37 -9.96
N LYS A 211 -11.83 3.50 -10.73
CA LYS A 211 -11.83 3.26 -12.19
C LYS A 211 -10.92 4.17 -13.04
N ALA A 212 -10.92 5.48 -12.80
CA ALA A 212 -10.04 6.36 -13.50
C ALA A 212 -8.59 5.94 -13.24
N TRP A 213 -8.29 5.56 -12.01
CA TRP A 213 -6.93 5.17 -11.70
C TRP A 213 -6.59 3.94 -12.52
N SER A 214 -7.52 3.01 -12.51
CA SER A 214 -7.31 1.78 -13.16
C SER A 214 -7.22 1.91 -14.68
N VAL A 215 -8.01 2.80 -15.27
CA VAL A 215 -7.93 3.03 -16.71
C VAL A 215 -6.56 3.58 -17.11
N ALA A 216 -6.08 4.57 -16.39
CA ALA A 216 -4.77 5.09 -16.66
C ALA A 216 -3.77 3.95 -16.62
N ARG A 217 -3.77 3.23 -15.51
CA ARG A 217 -2.74 2.22 -15.30
C ARG A 217 -2.84 1.09 -16.33
N LEU A 218 -4.04 0.56 -16.57
CA LEU A 218 -4.14 -0.59 -17.47
C LEU A 218 -3.85 -0.22 -18.90
N SER A 219 -4.14 1.01 -19.27
CA SER A 219 -3.76 1.50 -20.61
C SER A 219 -2.26 1.57 -20.81
N GLN A 220 -1.48 1.99 -19.82
CA GLN A 220 -0.02 2.02 -19.91
C GLN A 220 0.48 0.57 -20.07
N LYS A 221 -0.08 -0.34 -19.28
CA LYS A 221 0.31 -1.74 -19.32
C LYS A 221 -0.11 -2.44 -20.60
N PHE A 222 -1.32 -2.13 -21.08
CA PHE A 222 -1.83 -2.84 -22.24
C PHE A 222 -2.06 -1.90 -23.40
N PRO A 223 -0.98 -1.24 -23.86
CA PRO A 223 -1.23 -0.12 -24.77
C PRO A 223 -1.82 -0.54 -26.15
N LYS A 224 -1.80 -1.83 -26.45
CA LYS A 224 -2.33 -2.42 -27.70
C LYS A 224 -3.82 -2.89 -27.65
N ALA A 225 -4.32 -3.09 -26.46
CA ALA A 225 -5.69 -3.44 -26.26
C ALA A 225 -6.51 -2.26 -26.71
N ASP A 226 -7.68 -2.51 -27.27
CA ASP A 226 -8.51 -1.37 -27.52
C ASP A 226 -9.23 -0.89 -26.26
N PHE A 227 -9.91 0.22 -26.36
CA PHE A 227 -10.59 0.83 -25.28
C PHE A 227 -11.72 -0.03 -24.77
N ALA A 228 -12.45 -0.67 -25.67
CA ALA A 228 -13.52 -1.56 -25.22
C ALA A 228 -12.98 -2.59 -24.21
N GLU A 229 -11.86 -3.14 -24.61
CA GLU A 229 -11.20 -4.20 -23.93
C GLU A 229 -10.64 -3.71 -22.57
N VAL A 230 -10.01 -2.52 -22.54
CA VAL A 230 -9.59 -1.90 -21.28
C VAL A 230 -10.79 -1.68 -20.33
N SER A 231 -11.85 -1.05 -20.82
CA SER A 231 -13.04 -0.82 -20.00
C SER A 231 -13.52 -2.09 -19.37
N LYS A 232 -13.60 -3.15 -20.16
CA LYS A 232 -14.12 -4.40 -19.64
C LYS A 232 -13.30 -4.89 -18.44
N ILE A 233 -11.97 -4.84 -18.55
CA ILE A 233 -11.12 -5.40 -17.51
C ILE A 233 -11.20 -4.49 -16.29
N VAL A 234 -11.08 -3.19 -16.50
CA VAL A 234 -11.21 -2.24 -15.39
C VAL A 234 -12.54 -2.46 -14.66
N THR A 235 -13.63 -2.60 -15.40
CA THR A 235 -14.92 -2.82 -14.80
C THR A 235 -14.82 -4.02 -13.91
N ASP A 236 -14.16 -5.06 -14.39
CA ASP A 236 -14.21 -6.35 -13.68
C ASP A 236 -13.24 -6.31 -12.49
N LEU A 237 -12.08 -5.69 -12.71
CA LEU A 237 -11.09 -5.56 -11.68
C LEU A 237 -11.58 -4.65 -10.53
N THR A 238 -12.28 -3.58 -10.87
CA THR A 238 -12.82 -2.69 -9.85
C THR A 238 -13.75 -3.49 -9.01
N LYS A 239 -14.59 -4.29 -9.63
CA LYS A 239 -15.54 -5.14 -8.88
C LYS A 239 -14.84 -6.16 -7.98
N VAL A 240 -13.69 -6.69 -8.46
CA VAL A 240 -12.85 -7.63 -7.68
C VAL A 240 -12.36 -6.98 -6.40
N HIS A 241 -11.80 -5.78 -6.53
CA HIS A 241 -11.22 -5.11 -5.40
C HIS A 241 -12.27 -4.47 -4.52
N LYS A 242 -13.37 -4.02 -5.10
CA LYS A 242 -14.44 -3.50 -4.29
C LYS A 242 -14.87 -4.55 -3.28
N GLU A 243 -15.06 -5.77 -3.78
CA GLU A 243 -15.44 -6.91 -2.98
C GLU A 243 -14.39 -7.26 -1.93
N CYS A 244 -13.13 -7.37 -2.34
CA CYS A 244 -12.08 -7.67 -1.37
C CYS A 244 -12.07 -6.57 -0.29
N CYS A 245 -12.11 -5.32 -0.71
CA CYS A 245 -12.03 -4.24 0.28
C CYS A 245 -13.20 -4.25 1.26
N HIS A 246 -14.34 -4.77 0.82
CA HIS A 246 -15.59 -4.82 1.61
CA HIS A 246 -15.47 -4.79 1.72
C HIS A 246 -15.59 -6.12 2.47
N GLY A 247 -14.54 -6.94 2.33
CA GLY A 247 -14.41 -8.15 3.16
C GLY A 247 -15.04 -9.36 2.53
N ASP A 248 -15.44 -9.18 1.28
CA ASP A 248 -16.06 -10.26 0.57
C ASP A 248 -15.01 -11.12 -0.17
N LEU A 249 -14.21 -11.88 0.57
CA LEU A 249 -13.04 -12.55 0.00
C LEU A 249 -13.29 -13.74 -0.93
N LEU A 250 -14.26 -14.57 -0.58
CA LEU A 250 -14.62 -15.69 -1.44
C LEU A 250 -15.11 -15.20 -2.80
N GLU A 251 -16.04 -14.25 -2.82
CA GLU A 251 -16.50 -13.69 -4.06
C GLU A 251 -15.35 -13.00 -4.75
N CYS A 252 -14.58 -12.24 -4.00
CA CYS A 252 -13.44 -11.55 -4.61
C CYS A 252 -12.53 -12.54 -5.35
N ALA A 253 -12.25 -13.70 -4.74
CA ALA A 253 -11.32 -14.67 -5.34
C ALA A 253 -11.93 -15.32 -6.61
N ASP A 254 -13.20 -15.67 -6.50
CA ASP A 254 -13.97 -16.33 -7.58
C ASP A 254 -14.04 -15.41 -8.82
N ASP A 255 -14.54 -14.18 -8.62
CA ASP A 255 -14.45 -13.13 -9.62
C ASP A 255 -13.01 -12.93 -10.17
N ARG A 256 -12.00 -12.95 -9.32
CA ARG A 256 -10.64 -12.78 -9.80
C ARG A 256 -10.20 -13.89 -10.78
N ALA A 257 -10.63 -15.13 -10.51
CA ALA A 257 -10.22 -16.27 -11.33
C ALA A 257 -10.94 -16.12 -12.65
N ASP A 258 -12.19 -15.71 -12.58
CA ASP A 258 -12.88 -15.44 -13.82
C ASP A 258 -12.15 -14.43 -14.68
N LEU A 259 -11.62 -13.39 -14.06
CA LEU A 259 -11.02 -12.32 -14.81
C LEU A 259 -9.68 -12.79 -15.37
N ALA A 260 -8.89 -13.52 -14.56
CA ALA A 260 -7.67 -14.10 -15.09
C ALA A 260 -7.94 -14.96 -16.32
N LYS A 261 -9.07 -15.69 -16.33
CA LYS A 261 -9.37 -16.54 -17.45
C LYS A 261 -9.81 -15.70 -18.66
N TYR A 262 -10.74 -14.77 -18.46
CA TYR A 262 -11.03 -13.81 -19.53
C TYR A 262 -9.76 -13.26 -20.23
N ILE A 263 -8.86 -12.73 -19.43
CA ILE A 263 -7.69 -12.07 -19.91
C ILE A 263 -6.82 -13.03 -20.68
N CYS A 264 -6.59 -14.23 -20.16
CA CYS A 264 -5.81 -15.23 -20.94
C CYS A 264 -6.50 -15.71 -22.21
N GLU A 265 -7.84 -15.78 -22.25
CA GLU A 265 -8.52 -16.07 -23.55
C GLU A 265 -8.20 -14.98 -24.57
N HIS A 266 -7.90 -13.77 -24.12
CA HIS A 266 -7.83 -12.66 -25.05
C HIS A 266 -6.47 -12.00 -25.15
N GLN A 267 -5.44 -12.71 -24.70
CA GLN A 267 -4.16 -12.05 -24.59
C GLN A 267 -3.65 -11.49 -25.90
N ASP A 268 -4.17 -11.99 -27.01
CA ASP A 268 -3.79 -11.52 -28.32
C ASP A 268 -4.39 -10.14 -28.58
N SER A 269 -5.61 -9.90 -28.08
CA SER A 269 -6.18 -8.58 -28.21
C SER A 269 -5.70 -7.73 -27.03
N ILE A 270 -4.81 -8.27 -26.18
CA ILE A 270 -4.49 -7.55 -24.93
C ILE A 270 -2.99 -7.25 -24.78
N SER A 271 -2.16 -8.26 -24.65
CA SER A 271 -0.73 -8.00 -24.53
C SER A 271 0.13 -9.21 -24.83
N GLY A 272 1.21 -8.99 -25.57
CA GLY A 272 2.18 -10.05 -25.81
C GLY A 272 2.88 -10.49 -24.53
N LYS A 273 2.80 -9.68 -23.47
CA LYS A 273 3.53 -10.00 -22.25
C LYS A 273 2.73 -11.00 -21.40
N LEU A 274 1.54 -11.37 -21.83
CA LEU A 274 0.76 -12.20 -20.95
C LEU A 274 1.11 -13.65 -21.11
N LYS A 275 1.78 -13.98 -22.20
CA LYS A 275 2.02 -15.37 -22.55
C LYS A 275 2.63 -16.11 -21.37
N ALA A 276 3.73 -15.58 -20.87
CA ALA A 276 4.37 -16.14 -19.67
C ALA A 276 3.39 -16.41 -18.52
N CYS A 277 2.57 -15.41 -18.24
CA CYS A 277 1.62 -15.51 -17.17
C CYS A 277 0.60 -16.57 -17.46
N CYS A 278 0.26 -16.75 -18.72
CA CYS A 278 -0.92 -17.56 -18.98
C CYS A 278 -0.62 -19.05 -18.98
N ASP A 279 0.66 -19.40 -19.15
CA ASP A 279 1.11 -20.76 -19.08
C ASP A 279 1.21 -21.28 -17.65
N LYS A 280 0.74 -20.53 -16.65
CA LYS A 280 1.04 -20.82 -15.21
C LYS A 280 -0.15 -21.29 -14.38
N PRO A 281 0.09 -21.87 -13.18
CA PRO A 281 -1.07 -22.35 -12.41
C PRO A 281 -1.87 -21.20 -11.89
N LEU A 282 -3.04 -21.50 -11.34
CA LEU A 282 -4.03 -20.48 -11.04
C LEU A 282 -3.48 -19.24 -10.31
N LEU A 283 -2.87 -19.46 -9.15
CA LEU A 283 -2.46 -18.34 -8.29
C LEU A 283 -1.28 -17.60 -8.91
N GLN A 284 -0.36 -18.34 -9.56
CA GLN A 284 0.78 -17.70 -10.21
C GLN A 284 0.27 -16.87 -11.31
N LYS A 285 -0.73 -17.41 -11.99
CA LYS A 285 -1.21 -16.76 -13.16
C LYS A 285 -1.73 -15.36 -12.78
N SER A 286 -2.70 -15.30 -11.85
CA SER A 286 -3.27 -14.05 -11.34
C SER A 286 -2.19 -13.08 -10.85
N HIS A 287 -1.27 -13.57 -10.02
CA HIS A 287 -0.16 -12.75 -9.54
C HIS A 287 0.62 -12.19 -10.73
N CYS A 288 1.04 -13.06 -11.64
CA CYS A 288 1.75 -12.66 -12.85
C CYS A 288 0.99 -11.60 -13.72
N ILE A 289 -0.32 -11.75 -13.88
CA ILE A 289 -1.13 -10.75 -14.58
C ILE A 289 -1.12 -9.45 -13.80
N ALA A 290 -1.38 -9.57 -12.49
CA ALA A 290 -1.39 -8.41 -11.62
C ALA A 290 -0.10 -7.60 -11.73
N GLU A 291 1.03 -8.29 -11.78
CA GLU A 291 2.32 -7.61 -11.67
C GLU A 291 2.94 -7.43 -13.03
N VAL A 292 2.19 -7.73 -14.11
CA VAL A 292 2.78 -7.83 -15.47
C VAL A 292 3.42 -6.52 -15.97
N LYS A 293 4.43 -6.66 -16.80
CA LYS A 293 5.16 -5.50 -17.34
C LYS A 293 4.41 -4.91 -18.53
N GLU A 294 4.71 -3.66 -18.86
CA GLU A 294 4.06 -2.95 -19.94
C GLU A 294 4.55 -3.47 -21.29
N ASP A 295 3.60 -3.73 -22.19
CA ASP A 295 3.89 -4.17 -23.57
C ASP A 295 4.52 -3.02 -24.37
N ASP A 296 5.12 -3.32 -25.50
CA ASP A 296 5.65 -2.26 -26.37
C ASP A 296 4.51 -1.41 -26.96
N LEU A 297 4.77 -0.13 -27.24
CA LEU A 297 3.73 0.72 -27.83
C LEU A 297 3.41 0.30 -29.25
N PRO A 298 2.10 0.22 -29.62
CA PRO A 298 1.83 -0.10 -31.02
C PRO A 298 2.38 1.00 -31.94
N SER A 299 2.73 0.62 -33.17
CA SER A 299 3.27 1.58 -34.13
C SER A 299 2.17 2.35 -34.86
N ASP A 300 0.92 2.10 -34.49
CA ASP A 300 -0.24 2.78 -35.04
C ASP A 300 -1.04 3.59 -34.04
N LEU A 301 -0.42 4.01 -32.95
CA LEU A 301 -1.02 5.03 -32.11
C LEU A 301 -1.49 6.24 -32.92
N PRO A 302 -2.72 6.69 -32.66
CA PRO A 302 -3.30 7.78 -33.43
C PRO A 302 -2.87 9.11 -32.87
N ALA A 303 -2.56 10.06 -33.74
CA ALA A 303 -2.34 11.44 -33.32
C ALA A 303 -3.62 11.88 -32.60
N LEU A 304 -3.54 12.82 -31.69
CA LEU A 304 -4.69 13.07 -30.82
C LEU A 304 -5.24 14.48 -31.00
N ALA A 305 -4.43 15.33 -31.60
CA ALA A 305 -4.85 16.71 -31.96
C ALA A 305 -6.23 16.71 -32.57
N ALA A 306 -6.40 15.82 -33.53
CA ALA A 306 -7.57 15.84 -34.35
C ALA A 306 -8.85 15.78 -33.49
N ASP A 307 -9.03 14.72 -32.69
CA ASP A 307 -10.35 14.50 -32.05
C ASP A 307 -10.47 15.26 -30.75
N PHE A 308 -9.32 15.44 -30.08
CA PHE A 308 -9.25 16.03 -28.73
C PHE A 308 -8.84 17.52 -28.70
N ALA A 309 -8.49 18.11 -29.84
CA ALA A 309 -8.16 19.52 -29.84
C ALA A 309 -8.68 20.27 -31.07
N GLU A 310 -8.67 19.61 -32.23
CA GLU A 310 -9.09 20.31 -33.46
C GLU A 310 -10.60 20.24 -33.74
N ASP A 311 -11.20 19.06 -33.61
CA ASP A 311 -12.65 18.89 -33.81
C ASP A 311 -13.57 20.00 -33.24
N LYS A 312 -14.49 20.48 -34.07
CA LYS A 312 -15.43 21.52 -33.63
C LYS A 312 -16.58 21.00 -32.75
N GLU A 313 -16.79 19.70 -32.76
CA GLU A 313 -17.92 19.15 -32.04
C GLU A 313 -17.65 18.78 -30.61
N ILE A 314 -16.40 18.97 -30.21
CA ILE A 314 -15.90 18.51 -28.90
C ILE A 314 -16.88 18.84 -27.77
N CYS A 315 -17.22 20.10 -27.65
CA CYS A 315 -18.25 20.51 -26.74
C CYS A 315 -19.45 19.58 -26.84
N LYS A 316 -20.11 19.54 -28.00
CA LYS A 316 -21.28 18.67 -28.12
C LYS A 316 -20.95 17.25 -27.62
N HIS A 317 -19.81 16.71 -28.06
CA HIS A 317 -19.40 15.36 -27.63
C HIS A 317 -19.24 15.21 -26.13
N TYR A 318 -18.59 16.20 -25.54
CA TYR A 318 -18.29 16.20 -24.13
C TYR A 318 -19.56 16.28 -23.27
N LYS A 319 -20.41 17.27 -23.54
CA LYS A 319 -21.69 17.45 -22.86
C LYS A 319 -22.54 16.18 -22.96
N ASP A 320 -22.64 15.65 -24.18
CA ASP A 320 -23.35 14.40 -24.46
C ASP A 320 -23.05 13.27 -23.47
N ALA A 321 -21.81 12.75 -23.46
CA ALA A 321 -21.37 11.81 -22.41
C ALA A 321 -19.92 12.03 -21.97
N LYS A 322 -19.80 12.91 -20.98
CA LYS A 322 -18.53 13.33 -20.39
C LYS A 322 -17.63 12.16 -20.05
N ASP A 323 -18.11 11.29 -19.17
CA ASP A 323 -17.32 10.17 -18.68
C ASP A 323 -16.76 9.23 -19.77
N VAL A 324 -17.43 9.16 -20.93
CA VAL A 324 -16.96 8.32 -22.03
C VAL A 324 -15.83 9.01 -22.78
N PHE A 325 -16.11 10.23 -23.23
CA PHE A 325 -15.19 11.09 -23.98
C PHE A 325 -13.94 11.30 -23.16
N LEU A 326 -14.12 11.62 -21.87
CA LEU A 326 -12.98 11.74 -20.95
C LEU A 326 -12.23 10.43 -20.76
N GLY A 327 -12.97 9.33 -20.53
CA GLY A 327 -12.34 8.02 -20.41
C GLY A 327 -11.47 7.72 -21.63
N THR A 328 -12.03 7.98 -22.80
CA THR A 328 -11.31 7.76 -24.05
C THR A 328 -10.02 8.61 -24.11
N PHE A 329 -10.14 9.87 -23.69
CA PHE A 329 -8.98 10.71 -23.60
C PHE A 329 -7.93 10.05 -22.67
N LEU A 330 -8.37 9.67 -21.49
CA LEU A 330 -7.51 9.08 -20.49
C LEU A 330 -6.88 7.83 -21.05
N TYR A 331 -7.68 6.96 -21.66
CA TYR A 331 -7.18 5.74 -22.35
C TYR A 331 -6.06 6.09 -23.33
N GLU A 332 -6.29 7.09 -24.18
CA GLU A 332 -5.30 7.41 -25.23
C GLU A 332 -4.03 8.05 -24.72
N TYR A 333 -4.17 9.03 -23.83
CA TYR A 333 -3.01 9.68 -23.26
C TYR A 333 -2.13 8.72 -22.46
N SER A 334 -2.79 7.87 -21.69
CA SER A 334 -2.05 6.98 -20.79
C SER A 334 -1.37 5.89 -21.60
N ARG A 335 -2.06 5.36 -22.63
CA ARG A 335 -1.46 4.29 -23.39
C ARG A 335 -0.12 4.72 -24.01
N ARG A 336 0.00 5.98 -24.45
CA ARG A 336 1.28 6.45 -24.98
C ARG A 336 2.25 7.03 -23.95
N HIS A 337 1.90 7.02 -22.67
CA HIS A 337 2.73 7.62 -21.64
C HIS A 337 3.14 6.69 -20.49
N PRO A 338 3.74 5.54 -20.83
CA PRO A 338 4.25 4.71 -19.72
C PRO A 338 5.36 5.49 -18.97
N ASP A 339 5.82 6.59 -19.54
CA ASP A 339 6.87 7.42 -18.93
C ASP A 339 6.27 8.39 -17.90
N TYR A 340 4.94 8.45 -17.78
CA TYR A 340 4.31 9.20 -16.66
C TYR A 340 3.78 8.33 -15.51
N SER A 341 3.67 8.96 -14.33
CA SER A 341 3.06 8.31 -13.19
C SER A 341 1.55 8.32 -13.40
N VAL A 342 0.84 7.42 -12.73
CA VAL A 342 -0.62 7.37 -12.84
C VAL A 342 -1.21 8.70 -12.36
N SER A 343 -0.76 9.20 -11.23
CA SER A 343 -1.34 10.44 -10.74
C SER A 343 -1.01 11.60 -11.66
N LEU A 344 0.12 11.51 -12.39
CA LEU A 344 0.38 12.62 -13.31
C LEU A 344 -0.70 12.62 -14.40
N LEU A 345 -0.93 11.43 -14.97
CA LEU A 345 -2.01 11.23 -15.93
C LEU A 345 -3.37 11.66 -15.39
N LEU A 346 -3.65 11.34 -14.14
CA LEU A 346 -4.94 11.70 -13.66
C LEU A 346 -5.01 13.20 -13.51
N ARG A 347 -3.87 13.82 -13.26
CA ARG A 347 -3.86 15.28 -13.15
C ARG A 347 -4.05 15.94 -14.54
N ILE A 348 -3.36 15.38 -15.51
CA ILE A 348 -3.54 15.86 -16.88
C ILE A 348 -5.00 15.72 -17.33
N ALA A 349 -5.65 14.59 -16.98
CA ALA A 349 -7.07 14.40 -17.31
C ALA A 349 -7.96 15.44 -16.64
N LYS A 350 -7.70 15.82 -15.40
CA LYS A 350 -8.59 16.80 -14.80
C LYS A 350 -8.42 18.18 -15.49
N THR A 351 -7.20 18.49 -15.89
CA THR A 351 -6.93 19.74 -16.63
C THR A 351 -7.56 19.78 -18.02
N TYR A 352 -7.52 18.63 -18.72
CA TYR A 352 -8.22 18.47 -19.97
C TYR A 352 -9.69 18.74 -19.72
N GLU A 353 -10.29 17.96 -18.86
CA GLU A 353 -11.63 18.24 -18.44
C GLU A 353 -11.86 19.70 -18.05
N ALA A 354 -11.05 20.22 -17.13
CA ALA A 354 -11.26 21.60 -16.69
C ALA A 354 -11.23 22.59 -17.86
N THR A 355 -10.30 22.39 -18.80
CA THR A 355 -10.19 23.23 -19.99
C THR A 355 -11.46 23.20 -20.85
N LEU A 356 -12.05 22.02 -21.05
CA LEU A 356 -13.31 21.93 -21.80
C LEU A 356 -14.46 22.63 -21.07
N GLU A 357 -14.71 22.29 -19.80
CA GLU A 357 -15.68 23.02 -19.00
C GLU A 357 -15.55 24.53 -19.28
N LYS A 358 -14.31 25.01 -19.30
CA LYS A 358 -14.10 26.43 -19.49
C LYS A 358 -14.39 26.87 -20.93
N CYS A 359 -13.69 26.30 -21.90
CA CYS A 359 -13.76 26.75 -23.28
C CYS A 359 -15.15 26.64 -23.91
N CYS A 360 -15.87 25.59 -23.54
CA CYS A 360 -17.16 25.32 -24.15
C CYS A 360 -18.19 26.32 -23.64
N ALA A 361 -18.04 26.73 -22.39
CA ALA A 361 -18.77 27.91 -21.89
C ALA A 361 -18.46 29.28 -22.59
N GLU A 362 -17.33 29.39 -23.29
CA GLU A 362 -16.99 30.63 -23.99
C GLU A 362 -17.55 30.72 -25.42
N ALA A 363 -17.75 31.95 -25.89
CA ALA A 363 -18.33 32.20 -27.23
C ALA A 363 -17.67 31.45 -28.39
N ASP A 364 -16.34 31.25 -28.33
CA ASP A 364 -15.63 30.49 -29.35
C ASP A 364 -14.86 29.32 -28.74
N PRO A 365 -15.54 28.20 -28.46
CA PRO A 365 -14.78 27.14 -27.80
C PRO A 365 -13.57 26.67 -28.62
N PRO A 366 -13.71 26.51 -29.96
CA PRO A 366 -12.58 25.88 -30.70
C PRO A 366 -11.24 26.65 -30.70
N ALA A 367 -11.31 27.98 -30.81
CA ALA A 367 -10.16 28.89 -30.64
C ALA A 367 -9.54 28.78 -29.25
N CYS A 368 -10.38 28.54 -28.24
CA CYS A 368 -9.99 28.32 -26.83
C CYS A 368 -9.35 26.94 -26.53
N TYR A 369 -10.10 25.87 -26.75
CA TYR A 369 -9.56 24.55 -26.49
C TYR A 369 -8.47 24.11 -27.48
N ARG A 370 -8.08 24.96 -28.42
CA ARG A 370 -7.12 24.50 -29.40
C ARG A 370 -5.73 24.26 -28.78
N THR A 371 -5.36 25.05 -27.77
CA THR A 371 -4.05 24.92 -27.12
C THR A 371 -4.03 23.97 -25.91
N VAL A 372 -5.07 23.12 -25.79
CA VAL A 372 -5.30 22.39 -24.54
C VAL A 372 -4.09 21.53 -24.16
N PHE A 373 -3.47 20.84 -25.12
CA PHE A 373 -2.30 19.98 -24.81
C PHE A 373 -1.12 20.78 -24.27
N ASP A 374 -1.11 22.07 -24.57
CA ASP A 374 -0.01 22.87 -24.09
C ASP A 374 -0.15 23.29 -22.65
N GLN A 375 -1.32 23.03 -22.07
CA GLN A 375 -1.49 23.21 -20.62
C GLN A 375 -0.86 22.07 -19.78
N PHE A 376 -0.46 20.98 -20.40
CA PHE A 376 0.01 19.82 -19.65
C PHE A 376 1.51 19.93 -19.32
N THR A 377 2.19 20.81 -20.05
CA THR A 377 3.62 21.01 -19.94
C THR A 377 4.10 21.24 -18.51
N PRO A 378 3.52 22.24 -17.83
CA PRO A 378 3.93 22.55 -16.46
C PRO A 378 3.63 21.36 -15.56
N LEU A 379 2.52 20.66 -15.83
CA LEU A 379 2.17 19.47 -15.08
C LEU A 379 3.25 18.43 -15.15
N VAL A 380 3.86 18.28 -16.31
CA VAL A 380 4.91 17.28 -16.48
C VAL A 380 6.25 17.66 -15.87
N GLU A 381 6.67 18.92 -16.00
CA GLU A 381 8.03 19.24 -15.60
CA GLU A 381 8.01 19.38 -15.59
C GLU A 381 8.17 19.36 -14.09
N GLU A 382 7.10 19.77 -13.41
CA GLU A 382 7.14 19.86 -11.97
C GLU A 382 7.58 18.50 -11.33
N PRO A 383 6.84 17.42 -11.61
CA PRO A 383 7.31 16.22 -10.92
C PRO A 383 8.65 15.70 -11.45
N LYS A 384 8.94 15.94 -12.74
CA LYS A 384 10.22 15.43 -13.32
C LYS A 384 11.44 16.02 -12.60
N SER A 385 11.33 17.31 -12.29
CA SER A 385 12.44 17.97 -11.70
C SER A 385 12.50 17.58 -10.21
N LEU A 386 11.33 17.38 -9.62
CA LEU A 386 11.30 16.99 -8.23
C LEU A 386 11.96 15.60 -8.04
N VAL A 387 11.75 14.70 -8.98
CA VAL A 387 12.40 13.41 -8.97
C VAL A 387 13.89 13.49 -9.26
N LYS A 388 14.30 14.27 -10.26
CA LYS A 388 15.74 14.47 -10.52
C LYS A 388 16.42 14.99 -9.25
N LYS A 389 15.79 15.97 -8.60
CA LYS A 389 16.39 16.58 -7.42
C LYS A 389 16.59 15.56 -6.31
N ASN A 390 15.53 14.79 -6.02
CA ASN A 390 15.63 13.85 -4.93
C ASN A 390 16.53 12.67 -5.33
N CYS A 391 16.53 12.29 -6.60
CA CYS A 391 17.52 11.28 -7.00
C CYS A 391 19.00 11.77 -6.92
N ASP A 392 19.27 13.04 -7.23
CA ASP A 392 20.66 13.56 -7.04
C ASP A 392 21.06 13.39 -5.59
N LEU A 393 20.22 13.94 -4.70
CA LEU A 393 20.47 13.88 -3.28
C LEU A 393 20.72 12.44 -2.82
N PHE A 394 19.85 11.54 -3.24
CA PHE A 394 19.97 10.16 -2.86
C PHE A 394 21.31 9.54 -3.26
N GLU A 395 21.69 9.70 -4.53
CA GLU A 395 22.94 9.06 -5.05
C GLU A 395 24.16 9.66 -4.40
N GLU A 396 23.99 10.87 -3.89
CA GLU A 396 25.03 11.60 -3.24
C GLU A 396 25.26 11.11 -1.82
N VAL A 397 24.18 10.85 -1.07
CA VAL A 397 24.32 10.60 0.36
C VAL A 397 23.88 9.21 0.82
N GLY A 398 23.26 8.41 -0.04
CA GLY A 398 22.83 7.03 0.32
C GLY A 398 21.55 6.96 1.17
N GLU A 399 20.98 5.75 1.29
CA GLU A 399 19.68 5.54 1.93
C GLU A 399 19.47 6.16 3.29
N TYR A 400 20.36 5.84 4.20
CA TYR A 400 20.20 6.28 5.54
C TYR A 400 20.13 7.78 5.66
N ASP A 401 21.06 8.49 5.03
CA ASP A 401 21.02 9.97 5.05
C ASP A 401 19.86 10.61 4.30
N PHE A 402 19.45 9.94 3.24
CA PHE A 402 18.31 10.37 2.44
C PHE A 402 17.07 10.25 3.32
N GLN A 403 16.93 9.10 3.98
CA GLN A 403 15.83 8.95 4.97
C GLN A 403 15.85 10.07 5.98
N ASN A 404 17.03 10.34 6.54
CA ASN A 404 17.17 11.34 7.57
C ASN A 404 16.71 12.67 7.05
N ALA A 405 17.01 12.98 5.79
CA ALA A 405 16.57 14.23 5.19
C ALA A 405 15.06 14.20 5.09
N LEU A 406 14.52 13.02 4.78
CA LEU A 406 13.06 12.96 4.69
C LEU A 406 12.34 13.06 6.03
N ILE A 407 12.89 12.40 7.05
CA ILE A 407 12.40 12.48 8.43
C ILE A 407 12.43 13.95 8.91
N VAL A 408 13.49 14.70 8.56
CA VAL A 408 13.52 16.13 8.91
C VAL A 408 12.37 16.90 8.20
N ARG A 409 12.24 16.63 6.90
CA ARG A 409 11.32 17.33 6.05
C ARG A 409 9.92 17.07 6.58
N TYR A 410 9.60 15.83 6.83
CA TYR A 410 8.28 15.52 7.31
C TYR A 410 7.95 15.89 8.75
N THR A 411 8.94 15.95 9.61
CA THR A 411 8.73 16.37 10.98
C THR A 411 8.48 17.86 10.98
N LYS A 412 9.22 18.59 10.12
CA LYS A 412 8.88 20.01 9.90
C LYS A 412 7.44 20.24 9.36
N LYS A 413 7.00 19.42 8.39
CA LYS A 413 5.66 19.55 7.83
C LYS A 413 4.58 19.20 8.86
N ALA A 414 4.83 18.16 9.65
CA ALA A 414 3.81 17.61 10.58
C ALA A 414 4.40 17.20 11.93
N PRO A 415 4.90 18.19 12.69
CA PRO A 415 5.57 17.91 13.99
C PRO A 415 4.68 17.30 15.03
N GLN A 416 3.37 17.31 14.82
CA GLN A 416 2.43 16.68 15.80
C GLN A 416 2.28 15.17 15.64
N VAL A 417 2.83 14.60 14.56
CA VAL A 417 2.75 13.15 14.34
C VAL A 417 3.75 12.50 15.29
N SER A 418 3.42 11.29 15.75
CA SER A 418 4.24 10.64 16.74
C SER A 418 5.55 10.28 16.07
N THR A 419 6.60 10.21 16.86
CA THR A 419 7.90 9.86 16.28
C THR A 419 7.92 8.48 15.56
N PRO A 420 7.26 7.44 16.14
CA PRO A 420 7.34 6.16 15.44
C PRO A 420 6.82 6.27 14.02
N THR A 421 5.73 7.03 13.83
CA THR A 421 5.18 7.23 12.49
C THR A 421 6.04 8.07 11.56
N LEU A 422 6.57 9.18 12.09
CA LEU A 422 7.42 10.01 11.25
C LEU A 422 8.58 9.19 10.83
N VAL A 423 9.12 8.37 11.73
CA VAL A 423 10.25 7.50 11.38
C VAL A 423 9.87 6.45 10.34
N GLU A 424 8.75 5.75 10.59
CA GLU A 424 8.26 4.73 9.64
C GLU A 424 8.10 5.34 8.26
N ILE A 425 7.52 6.54 8.19
CA ILE A 425 7.22 7.17 6.89
C ILE A 425 8.49 7.65 6.16
N GLY A 426 9.33 8.43 6.87
CA GLY A 426 10.58 8.96 6.33
C GLY A 426 11.39 7.81 5.78
N ARG A 427 11.48 6.73 6.55
CA ARG A 427 12.11 5.51 6.08
C ARG A 427 11.48 4.87 4.86
N THR A 428 10.14 4.86 4.79
CA THR A 428 9.51 4.31 3.57
C THR A 428 9.79 5.22 2.41
N LEU A 429 9.59 6.51 2.61
CA LEU A 429 9.93 7.51 1.58
C LEU A 429 11.36 7.35 1.06
N GLY A 430 12.34 7.21 1.93
CA GLY A 430 13.68 7.07 1.48
C GLY A 430 13.93 5.83 0.62
N LYS A 431 13.22 4.74 0.90
CA LYS A 431 13.30 3.50 0.10
C LYS A 431 12.72 3.64 -1.29
N VAL A 432 11.87 4.65 -1.50
CA VAL A 432 11.51 5.07 -2.84
C VAL A 432 12.76 5.47 -3.62
N GLY A 433 13.70 6.18 -3.00
CA GLY A 433 14.93 6.51 -3.73
C GLY A 433 15.67 5.26 -4.20
N SER A 434 16.03 4.39 -3.25
CA SER A 434 16.76 3.13 -3.52
C SER A 434 16.16 2.34 -4.65
N ARG A 435 14.83 2.17 -4.59
CA ARG A 435 14.13 1.46 -5.64
C ARG A 435 14.09 2.10 -7.00
N CYS A 436 13.77 3.39 -7.03
CA CYS A 436 13.45 4.06 -8.28
C CYS A 436 14.64 4.69 -8.89
N CYS A 437 15.54 5.22 -8.09
CA CYS A 437 16.59 6.06 -8.66
C CYS A 437 17.59 5.29 -9.52
N LYS A 438 17.66 3.98 -9.37
CA LYS A 438 18.71 3.23 -10.05
C LYS A 438 18.23 2.81 -11.41
N LEU A 439 16.93 2.98 -11.64
CA LEU A 439 16.29 2.52 -12.87
C LEU A 439 16.65 3.40 -14.07
N PRO A 440 16.46 2.83 -15.30
CA PRO A 440 16.60 3.60 -16.51
C PRO A 440 15.81 4.87 -16.30
N GLU A 441 16.25 5.94 -16.94
CA GLU A 441 15.86 7.27 -16.53
C GLU A 441 14.39 7.52 -16.72
N SER A 442 13.84 7.01 -17.80
CA SER A 442 12.48 7.30 -18.14
C SER A 442 11.50 6.56 -17.29
N GLU A 443 12.01 5.57 -16.54
CA GLU A 443 11.18 4.83 -15.57
C GLU A 443 11.15 5.47 -14.18
N ARG A 444 11.98 6.47 -13.93
CA ARG A 444 12.15 6.96 -12.55
C ARG A 444 10.94 7.75 -12.04
N LEU A 445 10.36 8.56 -12.93
CA LEU A 445 9.18 9.32 -12.62
C LEU A 445 8.03 8.42 -12.25
N PRO A 446 7.61 7.53 -13.15
CA PRO A 446 6.47 6.63 -12.76
C PRO A 446 6.73 5.78 -11.49
N CYS A 447 7.88 5.15 -11.40
CA CYS A 447 8.27 4.43 -10.20
C CYS A 447 8.12 5.33 -8.94
N SER A 448 8.73 6.52 -8.99
CA SER A 448 8.80 7.36 -7.81
C SER A 448 7.42 7.77 -7.35
N GLU A 449 6.65 8.39 -8.24
CA GLU A 449 5.30 8.83 -7.86
C GLU A 449 4.35 7.69 -7.50
N ASN A 450 4.38 6.59 -8.25
CA ASN A 450 3.48 5.51 -7.88
C ASN A 450 3.85 4.97 -6.52
N HIS A 451 5.13 5.04 -6.20
CA HIS A 451 5.53 4.56 -4.88
C HIS A 451 5.21 5.55 -3.77
N LEU A 452 5.43 6.84 -4.01
CA LEU A 452 5.04 7.86 -3.06
C LEU A 452 3.55 7.79 -2.73
N ALA A 453 2.74 7.42 -3.71
CA ALA A 453 1.31 7.28 -3.45
C ALA A 453 1.07 6.28 -2.34
N LEU A 454 1.81 5.16 -2.42
CA LEU A 454 1.66 4.11 -1.43
C LEU A 454 2.03 4.63 -0.02
N ALA A 455 3.15 5.32 0.08
CA ALA A 455 3.64 5.78 1.38
C ALA A 455 2.78 6.92 1.97
N LEU A 456 2.32 7.83 1.10
CA LEU A 456 1.47 8.94 1.54
C LEU A 456 0.18 8.41 2.03
N ASN A 457 -0.34 7.42 1.32
CA ASN A 457 -1.56 6.80 1.77
C ASN A 457 -1.38 6.09 3.09
N ARG A 458 -0.20 5.54 3.34
CA ARG A 458 0.05 4.92 4.62
C ARG A 458 0.01 5.95 5.75
N LEU A 459 0.59 7.12 5.48
CA LEU A 459 0.50 8.25 6.38
C LEU A 459 -0.94 8.69 6.62
N CYS A 460 -1.71 8.86 5.54
CA CYS A 460 -3.14 9.16 5.72
C CYS A 460 -3.92 8.11 6.52
N VAL A 461 -3.58 6.85 6.36
CA VAL A 461 -4.35 5.80 7.01
C VAL A 461 -4.14 5.86 8.50
N LEU A 462 -2.87 5.98 8.87
CA LEU A 462 -2.46 6.10 10.27
C LEU A 462 -3.12 7.37 10.79
N HIS A 463 -3.07 8.44 10.00
CA HIS A 463 -3.62 9.67 10.42
C HIS A 463 -5.14 9.60 10.60
N GLU A 464 -5.78 8.62 9.95
CA GLU A 464 -7.21 8.43 10.16
C GLU A 464 -7.50 7.90 11.51
N LYS A 465 -6.61 7.05 12.03
CA LYS A 465 -6.96 6.45 13.32
C LYS A 465 -6.56 7.37 14.45
N THR A 466 -5.62 8.28 14.19
CA THR A 466 -4.97 9.09 15.21
C THR A 466 -4.73 10.48 14.64
N PRO A 467 -5.79 11.28 14.52
CA PRO A 467 -5.55 12.51 13.79
C PRO A 467 -4.89 13.51 14.70
N VAL A 468 -3.93 14.25 14.14
CA VAL A 468 -3.15 15.18 14.95
C VAL A 468 -2.93 16.49 14.24
N SER A 469 -2.95 16.47 12.92
CA SER A 469 -2.66 17.66 12.13
C SER A 469 -3.72 17.95 11.05
N GLU A 470 -4.22 19.19 11.03
CA GLU A 470 -5.19 19.67 10.02
C GLU A 470 -4.62 19.74 8.60
N LYS A 471 -3.34 20.06 8.49
CA LYS A 471 -2.70 20.17 7.21
C LYS A 471 -2.67 18.80 6.61
N ILE A 472 -2.31 17.78 7.41
CA ILE A 472 -2.40 16.38 6.95
C ILE A 472 -3.82 15.97 6.54
N THR A 473 -4.84 16.40 7.29
CA THR A 473 -6.22 16.04 6.94
C THR A 473 -6.51 16.61 5.54
N LYS A 474 -6.26 17.90 5.38
CA LYS A 474 -6.56 18.56 4.13
C LYS A 474 -5.90 17.80 2.94
N CYS A 475 -4.61 17.46 3.02
CA CYS A 475 -3.93 16.83 1.90
C CYS A 475 -4.48 15.44 1.66
N CYS A 476 -4.89 14.78 2.72
CA CYS A 476 -5.31 13.40 2.60
C CYS A 476 -6.69 13.33 1.98
N THR A 477 -7.51 14.35 2.17
CA THR A 477 -8.91 14.23 1.79
C THR A 477 -9.25 15.08 0.58
N ASP A 478 -8.32 15.92 0.14
CA ASP A 478 -8.73 16.86 -0.89
C ASP A 478 -8.96 16.24 -2.27
N SER A 479 -7.99 15.49 -2.75
CA SER A 479 -7.98 15.07 -4.15
C SER A 479 -6.93 14.03 -4.17
N LEU A 480 -7.29 12.85 -4.60
CA LEU A 480 -6.36 11.73 -4.58
C LEU A 480 -5.19 12.10 -5.47
N ALA A 481 -5.53 12.76 -6.58
CA ALA A 481 -4.58 13.01 -7.63
C ALA A 481 -3.62 14.13 -7.25
N GLU A 482 -4.02 14.98 -6.31
CA GLU A 482 -3.24 16.14 -5.90
C GLU A 482 -2.49 15.87 -4.62
N ARG A 483 -2.66 14.67 -4.10
CA ARG A 483 -2.13 14.34 -2.79
C ARG A 483 -0.61 14.61 -2.64
N ARG A 484 0.17 14.16 -3.61
CA ARG A 484 1.61 14.24 -3.54
C ARG A 484 1.99 15.70 -3.66
N PRO A 485 1.54 16.35 -4.74
CA PRO A 485 1.81 17.80 -4.79
C PRO A 485 1.33 18.59 -3.57
N CYS A 486 0.26 18.16 -2.90
CA CYS A 486 -0.25 18.89 -1.70
C CYS A 486 0.74 18.69 -0.55
N PHE A 487 1.27 17.47 -0.40
CA PHE A 487 2.27 17.24 0.62
C PHE A 487 3.61 17.85 0.30
N SER A 488 4.01 17.84 -0.97
CA SER A 488 5.30 18.43 -1.37
C SER A 488 5.29 19.90 -0.97
N ALA A 489 4.09 20.51 -0.98
CA ALA A 489 3.94 21.95 -0.78
C ALA A 489 3.94 22.38 0.68
N LEU A 490 3.57 21.51 1.61
CA LEU A 490 3.70 21.88 3.01
C LEU A 490 5.10 22.34 3.44
N GLU A 491 5.12 23.26 4.40
CA GLU A 491 6.36 23.83 4.92
C GLU A 491 6.34 23.78 6.40
N LEU A 492 7.44 24.16 7.02
CA LEU A 492 7.44 24.25 8.47
C LEU A 492 6.14 24.83 8.99
N ASP A 493 5.36 23.98 9.63
CA ASP A 493 4.18 24.40 10.35
C ASP A 493 4.54 25.52 11.31
N GLU A 494 4.18 26.75 10.98
CA GLU A 494 4.64 27.91 11.77
C GLU A 494 3.94 28.06 13.11
N GLY A 495 2.75 27.49 13.22
CA GLY A 495 1.98 27.55 14.45
C GLY A 495 2.47 26.56 15.50
N TYR A 496 3.48 25.76 15.17
CA TYR A 496 4.01 24.76 16.10
C TYR A 496 4.58 25.40 17.33
N VAL A 497 4.46 24.73 18.46
CA VAL A 497 5.14 25.19 19.66
C VAL A 497 6.14 24.13 19.99
N PRO A 498 7.44 24.45 19.86
CA PRO A 498 8.48 23.50 20.13
C PRO A 498 8.09 22.65 21.31
N LYS A 499 8.30 21.35 21.13
CA LYS A 499 8.06 20.42 22.17
C LYS A 499 9.07 20.76 23.26
N GLU A 500 8.65 20.71 24.53
CA GLU A 500 9.55 20.90 25.68
C GLU A 500 10.70 19.92 25.63
N PHE A 501 11.88 20.39 26.04
CA PHE A 501 13.10 19.55 25.98
C PHE A 501 13.06 18.52 27.10
N LYS A 502 13.44 17.29 26.81
CA LYS A 502 13.46 16.23 27.82
C LYS A 502 14.72 15.38 27.59
N ALA A 503 15.72 15.65 28.42
CA ALA A 503 17.02 15.01 28.35
C ALA A 503 17.04 13.50 28.07
N GLU A 504 16.10 12.76 28.67
CA GLU A 504 16.16 11.30 28.60
C GLU A 504 15.95 10.85 27.18
N THR A 505 15.17 11.61 26.44
CA THR A 505 14.85 11.25 25.08
C THR A 505 16.11 11.06 24.27
N PHE A 506 17.14 11.86 24.60
CA PHE A 506 18.35 11.99 23.80
C PHE A 506 19.51 11.36 24.51
N THR A 507 19.19 10.58 25.51
CA THR A 507 20.16 9.89 26.33
C THR A 507 20.22 8.46 25.88
N PHE A 508 21.43 8.03 25.58
CA PHE A 508 21.67 6.69 25.10
C PHE A 508 22.33 5.77 26.15
N HIS A 509 22.18 4.45 25.99
CA HIS A 509 22.80 3.47 26.88
C HIS A 509 23.32 2.28 26.15
N ALA A 510 24.01 1.39 26.86
CA ALA A 510 24.83 0.39 26.16
C ALA A 510 23.97 -0.58 25.38
N ASP A 511 22.71 -0.68 25.77
CA ASP A 511 21.77 -1.64 25.15
C ASP A 511 21.70 -1.54 23.64
N ILE A 512 21.79 -0.30 23.16
CA ILE A 512 21.82 0.00 21.73
C ILE A 512 22.92 -0.76 20.99
N CYS A 513 23.94 -1.22 21.70
CA CYS A 513 25.15 -1.77 21.03
C CYS A 513 24.96 -3.12 20.31
N THR A 514 24.05 -3.97 20.82
CA THR A 514 23.82 -5.28 20.21
C THR A 514 22.57 -5.40 19.36
N LEU A 515 21.78 -4.34 19.23
CA LEU A 515 20.77 -4.22 18.13
C LEU A 515 21.43 -4.37 16.76
N PRO A 516 20.70 -4.97 15.79
CA PRO A 516 21.21 -4.98 14.41
C PRO A 516 21.22 -3.56 13.89
N GLU A 517 21.95 -3.30 12.79
CA GLU A 517 22.15 -1.94 12.27
C GLU A 517 20.78 -1.32 12.07
N ASP A 518 19.97 -2.08 11.38
CA ASP A 518 18.61 -1.74 11.09
C ASP A 518 17.86 -1.05 12.25
N GLU A 519 17.96 -1.67 13.41
CA GLU A 519 17.34 -1.20 14.62
C GLU A 519 18.09 -0.05 15.30
N LYS A 520 19.43 -0.06 15.28
CA LYS A 520 20.22 1.10 15.71
C LYS A 520 19.76 2.36 14.98
N GLN A 521 19.60 2.26 13.67
CA GLN A 521 19.18 3.39 12.88
C GLN A 521 17.89 3.98 13.35
N ILE A 522 16.94 3.10 13.61
CA ILE A 522 15.63 3.56 13.99
C ILE A 522 15.74 4.37 15.30
N LYS A 523 16.62 3.89 16.19
CA LYS A 523 16.89 4.58 17.45
C LYS A 523 17.41 5.98 17.19
N LYS A 524 18.39 6.09 16.30
CA LYS A 524 18.98 7.40 15.98
C LYS A 524 17.97 8.25 15.26
N GLN A 525 17.26 7.62 14.32
CA GLN A 525 16.37 8.35 13.49
C GLN A 525 15.25 8.92 14.37
N SER A 526 14.88 8.19 15.41
CA SER A 526 13.86 8.70 16.33
C SER A 526 14.38 9.91 17.06
N ALA A 527 15.65 9.85 17.47
CA ALA A 527 16.25 10.93 18.20
C ALA A 527 16.18 12.10 17.27
N LEU A 528 16.49 11.87 15.99
CA LEU A 528 16.53 12.97 15.02
C LEU A 528 15.17 13.68 14.94
N ALA A 529 14.10 12.90 14.84
CA ALA A 529 12.75 13.46 14.83
C ALA A 529 12.52 14.28 16.08
N GLU A 530 12.96 13.74 17.21
CA GLU A 530 12.84 14.41 18.48
C GLU A 530 13.62 15.71 18.47
N LEU A 531 14.83 15.70 17.89
CA LEU A 531 15.62 16.93 17.71
C LEU A 531 14.84 17.97 16.97
N VAL A 532 14.17 17.58 15.87
CA VAL A 532 13.34 18.54 15.12
C VAL A 532 12.15 19.06 15.95
N LYS A 533 11.41 18.16 16.59
CA LYS A 533 10.27 18.60 17.38
C LYS A 533 10.70 19.68 18.38
N HIS A 534 11.81 19.47 19.08
CA HIS A 534 12.23 20.44 20.10
C HIS A 534 12.80 21.71 19.47
N LYS A 535 13.51 21.56 18.35
CA LYS A 535 14.09 22.71 17.62
C LYS A 535 13.61 22.81 16.16
N PRO A 536 12.34 23.16 15.94
CA PRO A 536 11.80 23.04 14.55
C PRO A 536 12.49 23.92 13.53
N LYS A 537 13.13 25.00 13.96
CA LYS A 537 13.73 25.92 13.01
C LYS A 537 15.11 25.57 12.56
N ALA A 538 15.74 24.56 13.17
CA ALA A 538 17.07 24.18 12.73
C ALA A 538 17.06 23.65 11.31
N THR A 539 18.10 24.00 10.56
CA THR A 539 18.24 23.62 9.17
C THR A 539 18.69 22.18 9.10
N LYS A 540 18.43 21.56 7.96
CA LYS A 540 18.74 20.16 7.75
C LYS A 540 20.24 19.95 7.93
N GLU A 541 21.01 21.00 7.67
CA GLU A 541 22.45 20.92 7.78
C GLU A 541 22.89 20.89 9.22
N GLN A 542 22.33 21.76 10.07
CA GLN A 542 22.63 21.67 11.49
C GLN A 542 22.27 20.28 12.07
N LEU A 543 21.14 19.72 11.61
CA LEU A 543 20.65 18.44 12.17
C LEU A 543 21.56 17.35 11.66
N LYS A 544 22.01 17.48 10.42
CA LYS A 544 22.89 16.46 9.92
C LYS A 544 24.14 16.38 10.76
N THR A 545 24.72 17.55 11.13
CA THR A 545 25.96 17.59 11.93
C THR A 545 25.76 17.05 13.34
N VAL A 546 24.70 17.54 14.00
CA VAL A 546 24.39 17.10 15.39
C VAL A 546 24.21 15.57 15.44
N LEU A 547 23.42 15.02 14.54
CA LEU A 547 23.27 13.54 14.44
C LEU A 547 24.57 12.76 14.12
N GLY A 548 25.41 13.33 13.27
CA GLY A 548 26.75 12.77 13.01
C GLY A 548 27.54 12.69 14.31
N ASN A 549 27.44 13.73 15.13
CA ASN A 549 28.03 13.64 16.46
C ASN A 549 27.41 12.54 17.26
N PHE A 550 26.07 12.44 17.29
CA PHE A 550 25.46 11.34 18.04
C PHE A 550 25.89 9.99 17.52
N SER A 551 25.88 9.83 16.21
CA SER A 551 26.40 8.60 15.67
C SER A 551 27.82 8.29 16.16
N ALA A 552 28.71 9.29 16.14
CA ALA A 552 30.11 9.05 16.47
C ALA A 552 30.22 8.61 17.90
N PHE A 553 29.47 9.28 18.76
CA PHE A 553 29.40 8.97 20.21
C PHE A 553 28.95 7.52 20.52
N VAL A 554 27.91 7.08 19.83
CA VAL A 554 27.46 5.69 19.89
C VAL A 554 28.54 4.69 19.41
N ALA A 555 29.17 4.95 18.27
CA ALA A 555 30.21 4.06 17.76
C ALA A 555 31.29 3.96 18.81
N LYS A 556 31.75 5.12 19.29
CA LYS A 556 32.78 5.11 20.31
C LYS A 556 32.32 4.28 21.50
N CYS A 557 31.21 4.65 22.12
CA CYS A 557 30.95 3.99 23.42
C CYS A 557 30.68 2.52 23.31
N CYS A 558 30.03 2.12 22.24
CA CYS A 558 29.80 0.70 22.00
C CYS A 558 31.12 -0.03 21.80
N GLY A 559 32.17 0.67 21.38
CA GLY A 559 33.46 0.03 21.15
C GLY A 559 34.37 -0.09 22.38
N ARG A 560 33.82 0.26 23.54
CA ARG A 560 34.65 0.52 24.71
C ARG A 560 34.75 -0.64 25.62
N GLU A 561 35.74 -0.62 26.51
CA GLU A 561 35.84 -1.69 27.46
C GLU A 561 34.66 -1.56 28.43
N ASP A 562 34.39 -0.35 28.90
CA ASP A 562 33.25 -0.09 29.77
C ASP A 562 32.17 0.79 29.11
N LYS A 563 31.27 0.12 28.38
CA LYS A 563 30.31 0.78 27.51
C LYS A 563 29.43 1.75 28.25
N GLU A 564 28.97 1.36 29.44
CA GLU A 564 28.04 2.18 30.16
C GLU A 564 28.65 3.45 30.82
N ALA A 565 29.85 3.34 31.36
CA ALA A 565 30.54 4.52 31.90
C ALA A 565 30.86 5.47 30.77
N CYS A 566 31.11 4.91 29.59
CA CYS A 566 31.29 5.74 28.40
C CYS A 566 30.06 6.56 28.06
N PHE A 567 28.95 5.88 27.82
CA PHE A 567 27.66 6.52 27.60
C PHE A 567 27.34 7.54 28.71
N ALA A 568 27.53 7.10 29.96
CA ALA A 568 27.23 7.90 31.13
C ALA A 568 28.10 9.13 31.23
N GLU A 569 29.39 9.04 30.91
CA GLU A 569 30.31 10.18 31.05
C GLU A 569 30.24 11.15 29.87
N GLU A 570 30.03 10.62 28.67
CA GLU A 570 30.07 11.44 27.49
C GLU A 570 28.73 12.04 27.09
N GLY A 571 27.65 11.33 27.42
CA GLY A 571 26.34 11.58 26.83
C GLY A 571 25.81 12.96 27.13
N PRO A 572 25.72 13.28 28.43
CA PRO A 572 25.10 14.54 28.88
C PRO A 572 25.82 15.77 28.34
N LYS A 573 27.14 15.68 28.19
CA LYS A 573 27.87 16.78 27.58
C LYS A 573 27.38 16.96 26.15
N LEU A 574 27.33 15.85 25.40
CA LEU A 574 26.95 15.91 23.99
C LEU A 574 25.49 16.30 23.87
N VAL A 575 24.71 15.84 24.84
CA VAL A 575 23.29 16.21 24.88
C VAL A 575 23.09 17.72 25.01
N ALA A 576 23.78 18.38 25.94
CA ALA A 576 23.64 19.85 26.08
C ALA A 576 24.28 20.69 24.94
N SER A 577 25.47 20.32 24.50
CA SER A 577 26.14 21.17 23.53
C SER A 577 25.39 21.07 22.21
N SER A 578 24.84 19.90 21.95
CA SER A 578 24.07 19.72 20.73
C SER A 578 22.83 20.66 20.66
N GLN A 579 22.19 21.00 21.78
CA GLN A 579 21.13 22.02 21.68
C GLN A 579 21.64 23.39 21.18
N LEU A 580 22.89 23.67 21.49
CA LEU A 580 23.52 24.92 21.11
C LEU A 580 23.68 25.02 19.59
N ALA A 581 23.97 23.88 18.96
CA ALA A 581 24.17 23.79 17.52
C ALA A 581 22.82 23.87 16.76
N LEU A 582 21.69 23.72 17.45
CA LEU A 582 20.42 23.72 16.74
C LEU A 582 19.70 25.06 16.81
N ALA A 583 20.28 25.99 17.57
CA ALA A 583 19.85 27.39 17.58
C ALA A 583 19.55 27.92 16.16
#